data_8HL7
#
_entry.id   8HL7
#
_cell.length_a   60.780
_cell.length_b   60.780
_cell.length_c   473.910
_cell.angle_alpha   90.000
_cell.angle_beta   90.000
_cell.angle_gamma   90.000
#
_symmetry.space_group_name_H-M   'P 43 21 2'
#
loop_
_entity.id
_entity.type
_entity.pdbx_description
1 polymer 'Protein N-lysine methyltransferase METTL21D'
2 polymer 'Transitional endoplasmic reticulum ATPase'
3 non-polymer S-ADENOSYL-L-HOMOCYSTEINE
4 non-polymer GLYCEROL
5 non-polymer 'FORMIC ACID'
6 non-polymer 'ACETATE ION'
7 non-polymer "ADENOSINE-5'-DIPHOSPHATE"
8 non-polymer '4-(2-HYDROXYETHYL)-1-PIPERAZINE ETHANESULFONIC ACID'
9 water water
#
loop_
_entity_poly.entity_id
_entity_poly.type
_entity_poly.pdbx_seq_one_letter_code
_entity_poly.pdbx_strand_id
1 'polypeptide(L)'
;MFVRVLEKRDGTVLRLQQYSSGGVGCVVWDAAIVLSKYLETPEFSGDGAHALSRRSVLELGSGTGAVGLMAATLGADVVV
TDLEELQDLLKMNINMNKHLVTGSVQAKVLKWGEEVEGFPSPPDFILMADCIYYEESLEPLLKTLKDISGFETCIICCYE
QRTMGKNPEIEKKYFELLQLDFDFEKIPLEKHDEEYRSEDIHIIYIRK
;
A
2 'polypeptide(L)'
;PNRLIVDEAINEDNSVVSLSQPKMDELQLFRGDTVLLKGKKRREAVCIVLSDDTCSDEKIRMNRVVRNNLRVRLGDVISI
QPCPDVKYGKRIHVLPIDDTVEGITGNLFEVYLKPYFLEAYRPIRKGDIFLVRGGMRAVEFKVVETDPSPYCIVAPDTVI
HCEGEPIKREDEEESLNEVGYDDIGGCRKQLAQIKEMVELPLRHPALFKAIGVKPPRGILLYGPPGTGKTLIARAVANET
GAFFFLINGPEIMSKLAGESESNLRKAFEEAEKNAPAIIFIDELDAIAPKRE(M3L)THGEVERRIVSQLLTLMDGLKQR
AHVIVMAATNRPNSIDPALRRFGRFDREVDIGIPDATGRLEILQIHTKNMKLADDVDLEQVANETHGHVGADLAALCSEA
ALQAIRKKMDLIDLEDETIDAEVMNSLAVTMDDFRWALSQ
;
B
#
# COMPACT_ATOMS: atom_id res chain seq x y z
N MET A 1 -10.85 -10.93 -4.57
CA MET A 1 -10.15 -11.53 -5.70
C MET A 1 -10.06 -10.55 -6.87
N PHE A 2 -8.90 -10.51 -7.52
CA PHE A 2 -8.58 -9.51 -8.53
C PHE A 2 -8.07 -10.24 -9.75
N VAL A 3 -8.43 -9.76 -10.95
CA VAL A 3 -8.28 -10.55 -12.17
C VAL A 3 -7.17 -9.95 -13.01
N ARG A 4 -6.13 -10.73 -13.27
CA ARG A 4 -5.14 -10.38 -14.28
C ARG A 4 -5.67 -10.65 -15.67
N VAL A 5 -5.75 -9.62 -16.51
CA VAL A 5 -5.83 -9.89 -17.93
C VAL A 5 -4.42 -10.10 -18.47
N LEU A 6 -4.29 -11.10 -19.35
CA LEU A 6 -3.04 -11.52 -19.96
C LEU A 6 -3.29 -11.46 -21.47
N GLU A 7 -2.85 -10.39 -22.09
CA GLU A 7 -3.19 -10.11 -23.47
C GLU A 7 -2.35 -10.97 -24.41
N LYS A 8 -3.01 -11.54 -25.42
CA LYS A 8 -2.36 -12.38 -26.41
C LYS A 8 -1.99 -11.54 -27.62
N ARG A 9 -0.94 -11.98 -28.32
CA ARG A 9 -0.49 -11.30 -29.53
C ARG A 9 -1.61 -11.10 -30.53
N ASP A 10 -2.60 -12.01 -30.56
CA ASP A 10 -3.71 -11.95 -31.51
C ASP A 10 -4.93 -11.19 -30.98
N GLY A 11 -4.89 -10.64 -29.77
CA GLY A 11 -5.94 -9.77 -29.27
C GLY A 11 -6.85 -10.39 -28.20
N THR A 12 -7.07 -11.71 -28.24
CA THR A 12 -7.87 -12.31 -27.18
C THR A 12 -7.19 -12.08 -25.84
N VAL A 13 -7.98 -12.05 -24.76
CA VAL A 13 -7.43 -11.86 -23.42
C VAL A 13 -7.68 -13.10 -22.58
N LEU A 14 -6.61 -13.69 -22.08
CA LEU A 14 -6.68 -14.56 -20.91
C LEU A 14 -6.99 -13.73 -19.67
N ARG A 15 -7.90 -14.24 -18.83
CA ARG A 15 -8.25 -13.62 -17.57
C ARG A 15 -7.98 -14.63 -16.45
N LEU A 16 -7.07 -14.27 -15.54
CA LEU A 16 -6.71 -15.15 -14.42
C LEU A 16 -7.20 -14.51 -13.13
N GLN A 17 -8.14 -15.18 -12.48
CA GLN A 17 -8.52 -14.82 -11.12
C GLN A 17 -7.37 -15.08 -10.16
N GLN A 18 -7.21 -14.15 -9.20
CA GLN A 18 -6.16 -14.19 -8.19
C GLN A 18 -6.73 -13.87 -6.82
N TYR A 19 -6.19 -14.52 -5.80
CA TYR A 19 -6.68 -14.36 -4.44
C TYR A 19 -5.56 -13.81 -3.57
N SER A 20 -5.83 -12.67 -2.92
CA SER A 20 -4.90 -12.04 -2.01
C SER A 20 -4.75 -12.79 -0.72
N SER A 21 -5.27 -14.00 -0.58
CA SER A 21 -5.29 -14.66 0.71
C SER A 21 -4.51 -15.98 0.75
N GLY A 22 -4.58 -16.82 -0.26
CA GLY A 22 -4.00 -18.14 -0.16
C GLY A 22 -2.48 -18.25 -0.20
N GLY A 23 -1.98 -19.43 -0.56
CA GLY A 23 -0.55 -19.62 -0.69
C GLY A 23 0.01 -18.89 -1.91
N VAL A 24 1.30 -19.13 -2.14
CA VAL A 24 2.01 -18.37 -3.16
C VAL A 24 1.42 -18.57 -4.56
N GLY A 25 0.75 -19.68 -4.82
CA GLY A 25 0.19 -19.90 -6.13
C GLY A 25 -1.19 -19.32 -6.37
N CYS A 26 -1.57 -18.32 -5.61
CA CYS A 26 -2.90 -17.71 -5.74
C CYS A 26 -2.87 -16.39 -6.50
N VAL A 27 -1.68 -15.95 -6.93
CA VAL A 27 -1.45 -14.77 -7.75
C VAL A 27 -0.60 -15.19 -8.95
N VAL A 28 -0.69 -14.45 -10.04
CA VAL A 28 0.18 -14.67 -11.19
C VAL A 28 1.54 -14.02 -10.93
N TRP A 29 2.63 -14.79 -11.12
CA TRP A 29 3.98 -14.31 -10.94
C TRP A 29 4.56 -13.84 -12.28
N ASP A 30 5.66 -13.10 -12.21
CA ASP A 30 6.10 -12.47 -13.46
C ASP A 30 6.80 -13.46 -14.38
N ALA A 31 7.37 -14.53 -13.82
CA ALA A 31 7.91 -15.59 -14.66
C ALA A 31 6.79 -16.25 -15.47
N ALA A 32 5.56 -16.27 -14.93
CA ALA A 32 4.41 -16.74 -15.68
C ALA A 32 4.13 -15.87 -16.90
N ILE A 33 4.09 -14.55 -16.71
CA ILE A 33 3.90 -13.64 -17.84
C ILE A 33 5.02 -13.78 -18.86
N VAL A 34 6.27 -13.89 -18.38
CA VAL A 34 7.40 -14.01 -19.30
C VAL A 34 7.26 -15.28 -20.14
N LEU A 35 7.06 -16.42 -19.46
CA LEU A 35 6.91 -17.71 -20.14
C LEU A 35 5.75 -17.67 -21.11
N SER A 36 4.57 -17.32 -20.61
CA SER A 36 3.40 -17.24 -21.48
C SER A 36 3.70 -16.41 -22.73
N LYS A 37 4.24 -15.20 -22.54
CA LYS A 37 4.46 -14.34 -23.70
C LYS A 37 5.53 -14.91 -24.63
N TYR A 38 6.45 -15.72 -24.09
CA TYR A 38 7.48 -16.35 -24.91
C TYR A 38 6.91 -17.45 -25.79
N LEU A 39 5.96 -18.24 -25.27
CA LEU A 39 5.27 -19.23 -26.09
C LEU A 39 4.62 -18.61 -27.30
N GLU A 40 4.32 -17.32 -27.24
CA GLU A 40 3.66 -16.63 -28.32
C GLU A 40 4.64 -16.01 -29.31
N THR A 41 5.94 -16.26 -29.15
CA THR A 41 6.83 -15.51 -30.01
C THR A 41 6.88 -16.18 -31.38
N PRO A 42 7.24 -15.41 -32.41
CA PRO A 42 7.36 -16.00 -33.75
C PRO A 42 8.37 -17.13 -33.80
N GLU A 43 9.55 -16.94 -33.20
CA GLU A 43 10.57 -17.98 -33.24
C GLU A 43 10.16 -19.23 -32.46
N PHE A 44 9.06 -19.18 -31.70
CA PHE A 44 8.62 -20.36 -30.98
C PHE A 44 7.52 -21.12 -31.71
N SER A 45 6.39 -20.45 -32.00
CA SER A 45 5.18 -21.05 -32.59
C SER A 45 4.53 -22.12 -31.66
N ALA A 51 3.25 -24.70 -33.26
CA ALA A 51 4.31 -25.64 -32.85
C ALA A 51 4.00 -26.23 -31.51
N LEU A 52 2.99 -25.66 -30.86
CA LEU A 52 2.36 -26.26 -29.70
C LEU A 52 1.10 -27.03 -30.06
N SER A 53 0.54 -26.78 -31.26
CA SER A 53 -0.71 -27.40 -31.67
C SER A 53 -0.62 -28.92 -31.62
N ARG A 54 -1.68 -29.53 -31.03
CA ARG A 54 -1.87 -30.98 -30.92
C ARG A 54 -0.67 -31.66 -30.26
N ARG A 55 -0.02 -30.96 -29.35
CA ARG A 55 1.12 -31.48 -28.60
C ARG A 55 0.77 -31.58 -27.11
N SER A 56 1.55 -32.42 -26.43
CA SER A 56 1.29 -32.79 -25.05
C SER A 56 2.10 -31.89 -24.13
N VAL A 57 1.41 -31.17 -23.25
CA VAL A 57 2.06 -30.21 -22.36
C VAL A 57 1.74 -30.60 -20.93
N LEU A 58 2.78 -30.79 -20.13
CA LEU A 58 2.62 -30.90 -18.69
C LEU A 58 3.16 -29.65 -18.02
N GLU A 59 2.36 -29.04 -17.15
CA GLU A 59 2.80 -27.88 -16.39
C GLU A 59 2.83 -28.25 -14.91
N LEU A 60 4.01 -28.10 -14.30
CA LEU A 60 4.21 -28.28 -12.87
C LEU A 60 4.23 -26.94 -12.17
N GLY A 61 3.69 -26.89 -10.96
CA GLY A 61 3.60 -25.60 -10.27
C GLY A 61 2.66 -24.65 -10.98
N SER A 62 1.56 -25.18 -11.49
CA SER A 62 0.70 -24.39 -12.36
C SER A 62 0.11 -23.19 -11.63
N GLY A 63 -0.11 -23.31 -10.34
CA GLY A 63 -0.72 -22.24 -9.57
C GLY A 63 -2.01 -21.71 -10.15
N THR A 64 -1.96 -20.50 -10.65
CA THR A 64 -3.12 -19.87 -11.24
C THR A 64 -3.53 -20.52 -12.57
N GLY A 65 -2.70 -21.41 -13.12
CA GLY A 65 -2.90 -21.95 -14.45
C GLY A 65 -2.42 -21.08 -15.59
N ALA A 66 -1.79 -19.93 -15.29
CA ALA A 66 -1.45 -18.96 -16.31
C ALA A 66 -0.77 -19.58 -17.54
N VAL A 67 0.34 -20.27 -17.33
CA VAL A 67 1.13 -20.73 -18.48
C VAL A 67 0.41 -21.89 -19.18
N GLY A 68 -0.03 -22.89 -18.40
CA GLY A 68 -0.76 -23.99 -19.01
C GLY A 68 -1.98 -23.53 -19.79
N LEU A 69 -2.72 -22.57 -19.24
CA LEU A 69 -3.90 -22.08 -19.96
C LEU A 69 -3.49 -21.40 -21.26
N MET A 70 -2.45 -20.59 -21.22
CA MET A 70 -1.90 -20.01 -22.45
C MET A 70 -1.60 -21.09 -23.50
N ALA A 71 -0.95 -22.18 -23.07
CA ALA A 71 -0.65 -23.24 -24.02
C ALA A 71 -1.90 -23.93 -24.49
N ALA A 72 -2.92 -24.01 -23.63
CA ALA A 72 -4.18 -24.61 -24.03
C ALA A 72 -4.86 -23.80 -25.13
N THR A 73 -4.57 -22.49 -25.21
CA THR A 73 -5.17 -21.66 -26.26
C THR A 73 -4.37 -21.62 -27.55
N LEU A 74 -3.20 -22.25 -27.59
CA LEU A 74 -2.39 -22.26 -28.80
C LEU A 74 -2.50 -23.59 -29.55
N GLY A 75 -3.21 -24.56 -28.97
CA GLY A 75 -3.55 -25.76 -29.66
C GLY A 75 -3.03 -27.01 -28.99
N ALA A 76 -2.50 -26.86 -27.78
CA ALA A 76 -1.88 -27.99 -27.11
C ALA A 76 -2.91 -28.73 -26.25
N ASP A 77 -2.57 -29.98 -25.92
CA ASP A 77 -3.30 -30.75 -24.93
C ASP A 77 -2.50 -30.67 -23.64
N VAL A 78 -2.98 -29.88 -22.68
CA VAL A 78 -2.17 -29.59 -21.51
C VAL A 78 -2.87 -30.10 -20.26
N VAL A 79 -2.07 -30.56 -19.31
CA VAL A 79 -2.51 -30.91 -17.97
C VAL A 79 -1.84 -29.96 -17.00
N VAL A 80 -2.63 -29.12 -16.34
CA VAL A 80 -2.09 -28.20 -15.34
C VAL A 80 -2.13 -28.88 -13.97
N THR A 81 -0.98 -29.01 -13.32
CA THR A 81 -0.87 -29.72 -12.05
C THR A 81 -0.34 -28.83 -10.95
N ASP A 82 -0.97 -28.89 -9.79
CA ASP A 82 -0.42 -28.29 -8.58
C ASP A 82 -1.00 -29.03 -7.37
N LEU A 83 -0.73 -28.53 -6.17
CA LEU A 83 -1.19 -29.20 -4.96
C LEU A 83 -2.72 -29.17 -4.87
N GLU A 84 -3.24 -29.94 -3.92
CA GLU A 84 -4.70 -29.99 -3.70
C GLU A 84 -5.27 -28.60 -3.41
N GLU A 85 -4.48 -27.70 -2.80
CA GLU A 85 -5.02 -26.40 -2.45
C GLU A 85 -5.35 -25.54 -3.66
N LEU A 86 -4.78 -25.87 -4.82
CA LEU A 86 -4.92 -25.04 -6.01
C LEU A 86 -5.94 -25.57 -7.00
N GLN A 87 -6.48 -26.77 -6.77
CA GLN A 87 -7.32 -27.39 -7.78
C GLN A 87 -8.57 -26.56 -8.05
N ASP A 88 -9.16 -25.94 -7.02
CA ASP A 88 -10.37 -25.17 -7.27
C ASP A 88 -10.10 -23.85 -7.99
N LEU A 89 -8.96 -23.22 -7.73
CA LEU A 89 -8.54 -22.09 -8.55
C LEU A 89 -8.27 -22.52 -9.98
N LEU A 90 -7.44 -23.55 -10.16
CA LEU A 90 -7.15 -24.04 -11.50
C LEU A 90 -8.45 -24.29 -12.26
N LYS A 91 -9.44 -24.90 -11.62
CA LYS A 91 -10.71 -25.19 -12.29
C LYS A 91 -11.51 -23.91 -12.56
N MET A 92 -11.51 -22.99 -11.59
CA MET A 92 -12.20 -21.71 -11.79
C MET A 92 -11.58 -20.95 -12.96
N ASN A 93 -10.27 -21.06 -13.10
CA ASN A 93 -9.60 -20.29 -14.14
C ASN A 93 -9.74 -20.93 -15.51
N ILE A 94 -9.85 -22.26 -15.54
CA ILE A 94 -10.25 -22.97 -16.76
C ILE A 94 -11.63 -22.52 -17.19
N ASN A 95 -12.59 -22.50 -16.27
CA ASN A 95 -13.92 -22.03 -16.66
C ASN A 95 -13.87 -20.60 -17.21
N MET A 96 -13.02 -19.75 -16.61
CA MET A 96 -12.86 -18.36 -17.06
C MET A 96 -12.42 -18.24 -18.51
N ASN A 97 -11.77 -19.27 -19.07
CA ASN A 97 -11.13 -19.16 -20.36
C ASN A 97 -11.50 -20.30 -21.30
N LYS A 98 -12.48 -21.13 -20.92
CA LYS A 98 -12.90 -22.24 -21.76
C LYS A 98 -13.15 -21.78 -23.20
N HIS A 99 -13.71 -20.58 -23.37
CA HIS A 99 -14.02 -20.08 -24.71
C HIS A 99 -12.80 -19.82 -25.56
N LEU A 100 -11.57 -20.06 -25.10
CA LEU A 100 -10.39 -19.80 -25.91
C LEU A 100 -9.50 -21.02 -26.06
N VAL A 101 -9.85 -22.13 -25.42
CA VAL A 101 -9.05 -23.36 -25.50
C VAL A 101 -9.29 -24.03 -26.83
N THR A 102 -8.23 -24.18 -27.62
CA THR A 102 -8.30 -24.79 -28.94
C THR A 102 -7.84 -26.23 -28.96
N GLY A 103 -6.97 -26.62 -28.03
CA GLY A 103 -6.71 -28.01 -27.74
C GLY A 103 -7.50 -28.46 -26.52
N SER A 104 -6.83 -28.66 -25.40
CA SER A 104 -7.50 -29.24 -24.24
C SER A 104 -6.71 -28.96 -22.97
N VAL A 105 -7.43 -28.89 -21.86
CA VAL A 105 -6.85 -28.57 -20.56
C VAL A 105 -7.60 -29.36 -19.50
N GLN A 106 -6.86 -29.82 -18.48
CA GLN A 106 -7.48 -30.50 -17.36
C GLN A 106 -6.60 -30.35 -16.12
N ALA A 107 -7.24 -30.18 -14.96
CA ALA A 107 -6.53 -29.97 -13.70
C ALA A 107 -6.26 -31.31 -13.03
N LYS A 108 -5.02 -31.49 -12.56
CA LYS A 108 -4.71 -32.67 -11.78
C LYS A 108 -3.82 -32.27 -10.62
N VAL A 109 -3.84 -33.11 -9.58
CA VAL A 109 -2.94 -32.97 -8.44
C VAL A 109 -1.63 -33.66 -8.75
N LEU A 110 -0.52 -33.00 -8.44
CA LEU A 110 0.80 -33.63 -8.54
C LEU A 110 1.73 -32.91 -7.56
N LYS A 111 1.98 -33.53 -6.42
CA LYS A 111 3.04 -33.04 -5.54
C LYS A 111 4.37 -33.62 -5.98
N TRP A 112 5.36 -32.74 -6.17
CA TRP A 112 6.70 -33.19 -6.55
C TRP A 112 7.22 -34.22 -5.56
N GLY A 113 8.04 -35.14 -6.08
CA GLY A 113 8.58 -36.21 -5.26
C GLY A 113 7.69 -37.41 -5.11
N GLU A 114 6.52 -37.40 -5.75
CA GLU A 114 5.57 -38.50 -5.81
C GLU A 114 5.41 -38.96 -7.25
N GLU A 115 4.52 -39.92 -7.48
CA GLU A 115 4.19 -40.34 -8.84
C GLU A 115 2.69 -40.53 -8.98
N VAL A 116 2.23 -40.43 -10.24
CA VAL A 116 0.82 -40.53 -10.63
C VAL A 116 0.61 -41.72 -11.56
N PRO A 120 1.52 -42.26 -17.48
CA PRO A 120 1.16 -41.99 -18.88
C PRO A 120 2.23 -42.42 -19.89
N SER A 121 2.19 -41.80 -21.07
CA SER A 121 3.21 -41.74 -22.11
C SER A 121 3.87 -40.36 -22.08
N PRO A 122 5.20 -40.32 -22.25
CA PRO A 122 5.93 -39.08 -21.94
C PRO A 122 5.38 -37.89 -22.73
N PRO A 123 5.42 -36.71 -22.12
CA PRO A 123 4.88 -35.52 -22.80
C PRO A 123 5.88 -34.84 -23.73
N ASP A 124 5.33 -34.03 -24.65
CA ASP A 124 6.16 -33.27 -25.59
C ASP A 124 6.94 -32.19 -24.88
N PHE A 125 6.24 -31.29 -24.23
CA PHE A 125 6.84 -30.25 -23.40
C PHE A 125 6.52 -30.48 -21.94
N ILE A 126 7.41 -30.01 -21.08
CA ILE A 126 7.12 -29.76 -19.67
C ILE A 126 7.42 -28.29 -19.43
N LEU A 127 6.44 -27.56 -18.91
CA LEU A 127 6.58 -26.13 -18.64
C LEU A 127 6.55 -25.89 -17.13
N MET A 128 7.54 -25.17 -16.63
CA MET A 128 7.58 -24.71 -15.24
C MET A 128 7.82 -23.21 -15.21
N ALA A 129 7.16 -22.51 -14.26
CA ALA A 129 7.39 -21.09 -14.07
C ALA A 129 7.48 -20.81 -12.57
N ASP A 130 8.63 -20.29 -12.14
CA ASP A 130 8.85 -19.89 -10.75
C ASP A 130 8.53 -21.04 -9.79
N CYS A 131 9.15 -22.17 -10.07
CA CYS A 131 9.00 -23.33 -9.22
C CYS A 131 10.19 -23.55 -8.31
N ILE A 132 11.26 -22.76 -8.45
CA ILE A 132 12.50 -23.10 -7.77
C ILE A 132 12.78 -22.09 -6.66
N TYR A 133 12.28 -22.37 -5.45
CA TYR A 133 12.24 -21.34 -4.42
C TYR A 133 12.23 -21.88 -3.01
N TYR A 134 12.11 -23.19 -2.82
CA TYR A 134 12.20 -23.72 -1.47
C TYR A 134 12.53 -25.20 -1.54
N GLU A 135 12.60 -25.82 -0.36
CA GLU A 135 13.16 -27.16 -0.18
C GLU A 135 12.60 -28.17 -1.19
N GLU A 136 11.28 -28.12 -1.45
CA GLU A 136 10.68 -29.10 -2.34
C GLU A 136 11.06 -28.91 -3.80
N SER A 137 11.67 -27.78 -4.17
CA SER A 137 12.11 -27.56 -5.54
C SER A 137 13.41 -28.30 -5.86
N LEU A 138 13.83 -29.22 -5.02
CA LEU A 138 15.18 -29.74 -5.13
C LEU A 138 15.14 -31.23 -5.38
N GLU A 139 15.28 -32.03 -4.34
CA GLU A 139 15.15 -33.49 -4.50
C GLU A 139 13.76 -33.89 -5.00
N PRO A 140 12.64 -33.38 -4.46
CA PRO A 140 11.34 -33.85 -4.95
C PRO A 140 11.03 -33.42 -6.38
N LEU A 141 11.37 -32.19 -6.76
CA LEU A 141 11.02 -31.71 -8.09
C LEU A 141 11.80 -32.43 -9.17
N LEU A 142 13.09 -32.68 -8.94
CA LEU A 142 13.88 -33.38 -9.95
C LEU A 142 13.49 -34.85 -10.04
N LYS A 143 13.02 -35.44 -8.94
CA LYS A 143 12.41 -36.77 -9.01
C LYS A 143 11.27 -36.75 -10.03
N THR A 144 10.29 -35.88 -9.81
CA THR A 144 9.16 -35.78 -10.73
C THR A 144 9.63 -35.46 -12.16
N LEU A 145 10.59 -34.53 -12.31
CA LEU A 145 11.10 -34.20 -13.64
C LEU A 145 11.86 -35.38 -14.25
N LYS A 146 12.68 -36.08 -13.46
CA LYS A 146 13.39 -37.25 -13.99
C LYS A 146 12.41 -38.34 -14.43
N ASP A 147 11.28 -38.45 -13.73
CA ASP A 147 10.27 -39.45 -14.05
C ASP A 147 9.52 -39.10 -15.32
N ILE A 148 8.68 -38.07 -15.28
CA ILE A 148 7.77 -37.77 -16.39
C ILE A 148 8.52 -37.64 -17.71
N SER A 149 9.75 -37.14 -17.66
CA SER A 149 10.45 -36.78 -18.88
C SER A 149 10.90 -38.03 -19.66
N GLY A 150 10.50 -38.10 -20.92
CA GLY A 150 11.13 -38.97 -21.88
C GLY A 150 12.49 -38.38 -22.26
N PHE A 151 13.01 -38.85 -23.40
CA PHE A 151 14.27 -38.34 -23.91
C PHE A 151 14.09 -37.23 -24.93
N GLU A 152 12.94 -37.21 -25.61
CA GLU A 152 12.59 -36.13 -26.54
C GLU A 152 11.65 -35.10 -25.90
N THR A 153 11.51 -35.11 -24.58
CA THR A 153 10.76 -34.05 -23.92
C THR A 153 11.58 -32.76 -23.88
N CYS A 154 10.93 -31.65 -24.20
CA CYS A 154 11.51 -30.33 -24.04
C CYS A 154 10.93 -29.70 -22.77
N ILE A 155 11.70 -29.72 -21.70
CA ILE A 155 11.31 -29.05 -20.47
C ILE A 155 11.77 -27.60 -20.54
N ILE A 156 10.87 -26.66 -20.27
CA ILE A 156 11.19 -25.25 -20.29
C ILE A 156 10.92 -24.70 -18.91
N CYS A 157 11.94 -24.12 -18.29
CA CYS A 157 11.87 -23.64 -16.92
C CYS A 157 12.04 -22.13 -16.93
N CYS A 158 11.09 -21.44 -16.33
CA CYS A 158 11.14 -19.99 -16.19
C CYS A 158 11.12 -19.64 -14.71
N TYR A 159 12.01 -18.72 -14.31
CA TYR A 159 12.11 -18.34 -12.90
C TYR A 159 12.77 -16.98 -12.77
N GLU A 160 12.48 -16.34 -11.64
CA GLU A 160 13.07 -15.07 -11.24
C GLU A 160 14.30 -15.34 -10.39
N GLN A 161 15.47 -14.89 -10.84
CA GLN A 161 16.65 -14.79 -10.00
C GLN A 161 16.36 -13.94 -8.77
N ARG A 162 16.35 -14.54 -7.59
CA ARG A 162 16.08 -13.80 -6.37
C ARG A 162 17.35 -13.67 -5.55
N THR A 163 17.37 -12.66 -4.67
CA THR A 163 18.58 -12.26 -3.98
C THR A 163 18.46 -12.26 -2.46
N MET A 164 17.36 -12.79 -1.90
CA MET A 164 17.04 -12.61 -0.49
C MET A 164 17.09 -13.93 0.26
N GLY A 165 17.88 -13.96 1.33
CA GLY A 165 17.86 -15.08 2.27
C GLY A 165 18.03 -16.46 1.67
N LYS A 166 16.96 -17.27 1.73
CA LYS A 166 17.01 -18.67 1.32
C LYS A 166 16.86 -18.87 -0.18
N ASN A 167 16.54 -17.84 -0.95
CA ASN A 167 16.27 -18.04 -2.36
C ASN A 167 17.54 -18.27 -3.21
N PRO A 168 18.65 -17.56 -2.97
CA PRO A 168 19.81 -17.78 -3.84
C PRO A 168 20.48 -19.13 -3.67
N GLU A 169 20.41 -19.73 -2.48
CA GLU A 169 21.07 -21.03 -2.32
C GLU A 169 20.21 -22.16 -2.86
N ILE A 170 18.89 -21.98 -2.90
CA ILE A 170 18.03 -22.94 -3.59
C ILE A 170 18.32 -22.93 -5.07
N GLU A 171 18.43 -21.74 -5.66
CA GLU A 171 18.77 -21.63 -7.08
C GLU A 171 20.17 -22.19 -7.38
N LYS A 172 21.11 -22.02 -6.44
CA LYS A 172 22.46 -22.57 -6.64
C LYS A 172 22.42 -24.09 -6.66
N LYS A 173 21.90 -24.70 -5.58
CA LYS A 173 21.83 -26.15 -5.53
C LYS A 173 21.06 -26.71 -6.70
N TYR A 174 19.89 -26.13 -7.00
CA TYR A 174 19.01 -26.65 -8.04
C TYR A 174 19.73 -26.88 -9.36
N PHE A 175 20.71 -26.04 -9.71
CA PHE A 175 21.52 -26.31 -10.87
C PHE A 175 22.69 -27.24 -10.58
N GLU A 176 23.15 -27.28 -9.32
CA GLU A 176 24.12 -28.30 -8.91
C GLU A 176 23.51 -29.71 -8.96
N LEU A 177 22.18 -29.83 -8.89
CA LEU A 177 21.54 -31.14 -9.03
C LEU A 177 21.10 -31.44 -10.47
N LEU A 178 20.70 -30.42 -11.23
CA LEU A 178 20.19 -30.63 -12.59
C LEU A 178 21.24 -31.24 -13.52
N GLN A 179 22.53 -31.04 -13.21
CA GLN A 179 23.58 -31.62 -14.03
C GLN A 179 23.62 -33.15 -13.91
N LEU A 180 23.00 -33.72 -12.88
CA LEU A 180 23.13 -35.15 -12.64
C LEU A 180 22.37 -35.98 -13.67
N ASP A 181 21.19 -35.50 -14.10
CA ASP A 181 20.36 -36.21 -15.05
C ASP A 181 19.99 -35.41 -16.29
N PHE A 182 20.37 -34.13 -16.38
CA PHE A 182 19.83 -33.25 -17.41
C PHE A 182 20.90 -32.32 -17.96
N ASP A 183 20.80 -32.02 -19.27
CA ASP A 183 21.57 -30.95 -19.90
C ASP A 183 20.69 -29.71 -20.05
N PHE A 184 21.27 -28.52 -19.84
CA PHE A 184 20.50 -27.28 -19.86
C PHE A 184 21.23 -26.16 -20.62
N GLU A 185 20.44 -25.26 -21.21
CA GLU A 185 20.92 -24.01 -21.82
C GLU A 185 19.97 -22.89 -21.43
N LYS A 186 20.51 -21.66 -21.26
CA LYS A 186 19.71 -20.47 -20.98
C LYS A 186 19.49 -19.72 -22.29
N ILE A 187 18.23 -19.47 -22.65
CA ILE A 187 17.97 -18.83 -23.93
C ILE A 187 18.14 -17.32 -23.76
N PRO A 188 18.74 -16.64 -24.74
CA PRO A 188 19.14 -15.25 -24.54
C PRO A 188 17.93 -14.34 -24.37
N LEU A 189 18.19 -13.22 -23.70
CA LEU A 189 17.10 -12.33 -23.31
C LEU A 189 16.34 -11.80 -24.52
N GLU A 190 16.99 -11.76 -25.69
CA GLU A 190 16.42 -11.10 -26.86
C GLU A 190 15.44 -11.99 -27.62
N LYS A 191 15.43 -13.29 -27.34
CA LYS A 191 14.38 -14.17 -27.84
C LYS A 191 13.12 -14.15 -26.98
N HIS A 192 13.15 -13.48 -25.82
CA HIS A 192 11.97 -13.28 -24.98
C HIS A 192 11.03 -12.29 -25.66
N ASP A 193 9.79 -12.19 -25.15
CA ASP A 193 8.86 -11.20 -25.69
C ASP A 193 9.46 -9.80 -25.57
N GLU A 194 9.27 -8.99 -26.62
CA GLU A 194 9.97 -7.71 -26.69
C GLU A 194 9.73 -6.85 -25.46
N GLU A 195 8.50 -6.86 -24.95
CA GLU A 195 8.14 -6.00 -23.83
C GLU A 195 8.10 -6.74 -22.50
N TYR A 196 7.54 -7.96 -22.47
CA TYR A 196 7.41 -8.72 -21.23
C TYR A 196 8.65 -9.60 -21.06
N ARG A 197 9.73 -8.95 -20.60
CA ARG A 197 11.06 -9.54 -20.43
C ARG A 197 11.82 -8.73 -19.38
N SER A 198 12.77 -9.38 -18.70
CA SER A 198 13.51 -8.67 -17.67
C SER A 198 14.85 -9.35 -17.40
N GLU A 199 15.90 -8.54 -17.22
CA GLU A 199 17.25 -9.07 -17.05
C GLU A 199 17.36 -10.11 -15.93
N ASP A 200 16.43 -10.13 -14.98
CA ASP A 200 16.49 -10.99 -13.81
C ASP A 200 15.50 -12.15 -13.85
N ILE A 201 14.78 -12.36 -14.95
CA ILE A 201 13.89 -13.50 -15.13
C ILE A 201 14.40 -14.36 -16.29
N HIS A 202 14.63 -15.65 -16.02
CA HIS A 202 15.35 -16.51 -16.95
C HIS A 202 14.48 -17.61 -17.55
N ILE A 203 14.48 -17.69 -18.88
CA ILE A 203 13.91 -18.82 -19.61
C ILE A 203 15.05 -19.78 -19.94
N ILE A 204 15.05 -20.98 -19.35
CA ILE A 204 16.10 -21.97 -19.61
C ILE A 204 15.48 -23.27 -20.09
N TYR A 205 16.17 -23.93 -21.04
CA TYR A 205 15.74 -25.14 -21.74
C TYR A 205 16.44 -26.37 -21.16
N ILE A 206 15.73 -27.51 -21.13
CA ILE A 206 16.29 -28.76 -20.59
C ILE A 206 15.91 -29.95 -21.49
N ARG A 207 16.80 -30.96 -21.52
CA ARG A 207 16.58 -32.22 -22.24
C ARG A 207 17.19 -33.35 -21.40
N LYS A 208 17.38 -34.53 -22.04
CA LYS A 208 17.92 -35.76 -21.42
C LYS A 208 17.26 -36.02 -20.06
N PRO B 1 6.08 17.30 24.96
CA PRO B 1 6.07 16.38 26.12
C PRO B 1 4.78 15.56 26.16
N ASN B 2 3.64 16.27 26.21
CA ASN B 2 2.34 15.68 25.94
C ASN B 2 2.05 15.56 24.42
N ARG B 3 3.07 15.66 23.55
CA ARG B 3 2.96 15.44 22.12
C ARG B 3 3.43 14.02 21.81
N LEU B 4 2.58 13.21 21.19
CA LEU B 4 2.94 11.82 20.99
C LEU B 4 2.72 11.37 19.56
N ILE B 5 3.47 10.33 19.20
CA ILE B 5 3.49 9.78 17.85
C ILE B 5 2.45 8.67 17.74
N VAL B 6 1.52 8.80 16.80
CA VAL B 6 0.41 7.87 16.67
C VAL B 6 0.91 6.51 16.18
N ASP B 7 0.65 5.46 16.96
CA ASP B 7 0.97 4.07 16.64
C ASP B 7 -0.31 3.22 16.61
N GLU B 8 -0.16 2.06 15.95
CA GLU B 8 -1.19 1.02 15.85
C GLU B 8 -1.66 0.54 17.23
N ALA B 9 -2.96 0.25 17.35
CA ALA B 9 -3.51 -0.30 18.58
C ALA B 9 -3.45 -1.82 18.59
N ILE B 10 -2.95 -2.40 19.67
CA ILE B 10 -3.21 -3.82 19.93
C ILE B 10 -4.56 -3.97 20.63
N ASN B 11 -4.88 -3.01 21.50
CA ASN B 11 -6.13 -2.96 22.26
C ASN B 11 -7.20 -2.33 21.38
N GLU B 12 -7.84 -3.16 20.56
CA GLU B 12 -8.60 -2.62 19.44
C GLU B 12 -9.97 -2.10 19.83
N ASP B 13 -10.16 -1.72 21.10
CA ASP B 13 -11.38 -1.09 21.54
C ASP B 13 -11.42 0.39 21.17
N ASN B 14 -12.61 0.90 20.83
CA ASN B 14 -12.77 2.29 20.41
C ASN B 14 -12.35 3.26 21.49
N SER B 15 -12.54 2.90 22.74
CA SER B 15 -12.52 3.88 23.80
C SER B 15 -11.19 3.92 24.53
N VAL B 16 -10.15 3.30 23.98
CA VAL B 16 -8.94 3.01 24.72
C VAL B 16 -7.72 3.42 23.91
N VAL B 17 -6.87 4.25 24.51
CA VAL B 17 -5.53 4.55 23.99
C VAL B 17 -4.50 4.11 25.03
N SER B 18 -3.30 3.81 24.54
CA SER B 18 -2.26 3.18 25.34
C SER B 18 -0.98 3.98 25.25
N LEU B 19 -0.36 4.23 26.40
CA LEU B 19 0.98 4.81 26.45
C LEU B 19 1.89 3.86 27.21
N SER B 20 3.19 4.16 27.20
CA SER B 20 4.10 3.41 28.04
C SER B 20 4.00 3.91 29.48
N GLN B 21 4.35 3.05 30.43
CA GLN B 21 4.25 3.48 31.82
C GLN B 21 5.22 4.62 32.14
N PRO B 22 6.49 4.61 31.67
CA PRO B 22 7.32 5.80 31.86
C PRO B 22 6.69 7.08 31.33
N LYS B 23 6.07 7.03 30.16
CA LYS B 23 5.38 8.23 29.70
C LYS B 23 4.20 8.57 30.61
N MET B 24 3.42 7.56 31.02
CA MET B 24 2.28 7.82 31.89
C MET B 24 2.72 8.37 33.24
N ASP B 25 3.95 8.06 33.69
CA ASP B 25 4.46 8.68 34.91
C ASP B 25 4.78 10.15 34.70
N GLU B 26 5.47 10.49 33.60
CA GLU B 26 5.78 11.88 33.29
C GLU B 26 4.55 12.77 33.21
N LEU B 27 3.36 12.24 32.84
CA LEU B 27 2.13 13.03 32.81
C LEU B 27 1.21 12.79 34.01
N GLN B 28 1.63 11.96 34.97
CA GLN B 28 0.82 11.63 36.15
C GLN B 28 -0.58 11.19 35.75
N LEU B 29 -0.62 10.12 34.93
CA LEU B 29 -1.85 9.51 34.46
C LEU B 29 -1.93 8.06 34.93
N PHE B 30 -3.14 7.63 35.27
CA PHE B 30 -3.36 6.30 35.82
C PHE B 30 -4.35 5.53 34.97
N ARG B 31 -4.28 4.19 35.07
CA ARG B 31 -5.20 3.32 34.32
C ARG B 31 -6.64 3.73 34.55
N GLY B 32 -7.39 3.82 33.47
CA GLY B 32 -8.79 4.17 33.58
C GLY B 32 -9.05 5.66 33.64
N ASP B 33 -8.03 6.49 33.48
CA ASP B 33 -8.22 7.92 33.44
C ASP B 33 -8.85 8.35 32.12
N THR B 34 -9.92 9.13 32.19
CA THR B 34 -10.46 9.73 30.99
C THR B 34 -9.54 10.84 30.52
N VAL B 35 -9.12 10.80 29.26
CA VAL B 35 -8.16 11.75 28.73
C VAL B 35 -8.76 12.44 27.51
N LEU B 36 -8.39 13.70 27.30
CA LEU B 36 -8.80 14.41 26.10
C LEU B 36 -7.64 14.44 25.11
N LEU B 37 -7.93 14.06 23.85
CA LEU B 37 -6.93 13.98 22.80
C LEU B 37 -7.23 15.00 21.71
N LYS B 38 -6.20 15.69 21.24
CA LYS B 38 -6.33 16.70 20.20
C LYS B 38 -5.51 16.26 18.99
N GLY B 39 -6.09 16.41 17.81
CA GLY B 39 -5.42 15.99 16.58
C GLY B 39 -5.40 17.12 15.56
N LYS B 40 -5.60 16.76 14.30
CA LYS B 40 -5.59 17.72 13.22
C LYS B 40 -7.01 18.20 12.92
N LYS B 41 -7.09 19.30 12.18
CA LYS B 41 -8.36 19.96 11.84
C LYS B 41 -9.26 20.20 13.06
N ARG B 42 -8.65 20.63 14.16
CA ARG B 42 -9.39 20.96 15.39
C ARG B 42 -10.27 19.81 15.87
N ARG B 43 -9.91 18.57 15.58
CA ARG B 43 -10.73 17.46 16.00
C ARG B 43 -10.26 16.97 17.38
N GLU B 44 -11.20 16.57 18.22
CA GLU B 44 -10.88 16.09 19.57
C GLU B 44 -11.54 14.75 19.86
N ALA B 45 -10.99 14.03 20.84
CA ALA B 45 -11.54 12.74 21.21
C ALA B 45 -11.33 12.48 22.70
N VAL B 46 -12.25 11.73 23.29
CA VAL B 46 -12.22 11.44 24.72
C VAL B 46 -12.05 9.93 24.88
N CYS B 47 -10.98 9.50 25.54
CA CYS B 47 -10.61 8.09 25.67
C CYS B 47 -10.24 7.76 27.10
N ILE B 48 -10.15 6.47 27.36
CA ILE B 48 -9.59 5.96 28.61
C ILE B 48 -8.16 5.55 28.33
N VAL B 49 -7.22 5.93 29.21
CA VAL B 49 -5.82 5.60 28.99
C VAL B 49 -5.45 4.32 29.74
N LEU B 50 -4.57 3.53 29.14
CA LEU B 50 -4.08 2.29 29.75
C LEU B 50 -2.58 2.15 29.50
N SER B 51 -1.96 1.27 30.29
CA SER B 51 -0.58 0.86 30.08
C SER B 51 -0.45 -0.16 28.94
N ASP B 52 0.75 -0.22 28.35
CA ASP B 52 1.08 -1.25 27.36
C ASP B 52 2.59 -1.45 27.34
N ASP B 53 3.04 -2.69 27.60
CA ASP B 53 4.48 -2.94 27.68
C ASP B 53 5.15 -2.73 26.34
N THR B 54 4.49 -3.12 25.24
CA THR B 54 5.09 -3.09 23.90
C THR B 54 4.77 -1.75 23.23
N CYS B 55 5.42 -0.69 23.73
CA CYS B 55 5.08 0.65 23.28
C CYS B 55 6.26 1.57 23.56
N SER B 56 6.87 2.09 22.50
CA SER B 56 7.92 3.09 22.68
C SER B 56 7.37 4.27 23.47
N ASP B 57 8.27 4.93 24.23
CA ASP B 57 7.81 5.93 25.20
C ASP B 57 7.22 7.16 24.51
N GLU B 58 7.60 7.45 23.28
CA GLU B 58 7.17 8.67 22.60
C GLU B 58 5.89 8.48 21.78
N LYS B 59 5.22 7.35 21.92
CA LYS B 59 4.15 6.96 21.01
C LYS B 59 2.87 6.66 21.77
N ILE B 60 1.74 6.74 21.08
CA ILE B 60 0.43 6.41 21.64
C ILE B 60 -0.24 5.39 20.71
N ARG B 61 -0.67 4.26 21.29
CA ARG B 61 -1.48 3.27 20.56
C ARG B 61 -2.94 3.69 20.50
N MET B 62 -3.52 3.72 19.31
CA MET B 62 -4.94 4.05 19.19
C MET B 62 -5.52 3.41 17.94
N ASN B 63 -6.74 2.89 18.07
CA ASN B 63 -7.31 2.12 16.98
C ASN B 63 -7.71 3.02 15.81
N ARG B 64 -8.13 2.40 14.69
CA ARG B 64 -8.46 3.17 13.50
C ARG B 64 -9.65 4.10 13.71
N VAL B 65 -10.61 3.71 14.55
CA VAL B 65 -11.76 4.56 14.82
C VAL B 65 -11.30 5.90 15.40
N VAL B 66 -10.41 5.86 16.41
CA VAL B 66 -9.98 7.10 17.04
C VAL B 66 -9.10 7.90 16.08
N ARG B 67 -8.23 7.22 15.33
CA ARG B 67 -7.38 7.94 14.39
C ARG B 67 -8.20 8.73 13.38
N ASN B 68 -9.24 8.12 12.80
CA ASN B 68 -10.13 8.88 11.92
C ASN B 68 -10.82 10.01 12.67
N ASN B 69 -11.22 9.77 13.92
CA ASN B 69 -11.89 10.82 14.68
C ASN B 69 -10.96 12.02 14.86
N LEU B 70 -9.66 11.78 15.10
CA LEU B 70 -8.67 12.84 15.26
C LEU B 70 -8.12 13.35 13.93
N ARG B 71 -8.55 12.77 12.81
CA ARG B 71 -8.10 13.16 11.48
C ARG B 71 -6.58 13.02 11.35
N VAL B 72 -6.06 11.88 11.78
CA VAL B 72 -4.62 11.71 11.93
C VAL B 72 -4.22 10.33 11.39
N ARG B 73 -2.96 10.18 11.02
CA ARG B 73 -2.49 8.90 10.50
C ARG B 73 -1.40 8.32 11.39
N LEU B 74 -1.09 7.05 11.18
CA LEU B 74 0.12 6.50 11.76
C LEU B 74 1.31 7.41 11.44
N GLY B 75 2.20 7.58 12.42
CA GLY B 75 3.34 8.48 12.28
C GLY B 75 3.07 9.96 12.51
N ASP B 76 1.81 10.36 12.63
CA ASP B 76 1.46 11.75 12.91
C ASP B 76 1.54 11.98 14.41
N VAL B 77 1.14 13.18 14.85
CA VAL B 77 1.39 13.65 16.22
C VAL B 77 0.10 14.20 16.79
N ILE B 78 -0.24 13.78 18.00
CA ILE B 78 -1.43 14.25 18.70
C ILE B 78 -1.01 14.80 20.04
N SER B 79 -1.93 15.49 20.68
CA SER B 79 -1.76 15.93 22.06
C SER B 79 -2.66 15.14 22.99
N ILE B 80 -2.20 14.98 24.23
CA ILE B 80 -2.96 14.28 25.26
C ILE B 80 -2.95 15.13 26.53
N GLN B 81 -4.06 15.09 27.26
CA GLN B 81 -4.18 15.88 28.48
C GLN B 81 -5.27 15.26 29.33
N PRO B 82 -5.24 15.46 30.65
CA PRO B 82 -6.26 14.86 31.50
C PRO B 82 -7.61 15.52 31.31
N CYS B 83 -8.67 14.71 31.41
CA CYS B 83 -10.06 15.16 31.29
C CYS B 83 -10.86 14.66 32.48
N PRO B 84 -10.71 15.32 33.64
CA PRO B 84 -11.22 14.72 34.89
C PRO B 84 -12.73 14.77 35.07
N ASP B 85 -13.40 15.84 34.68
CA ASP B 85 -14.78 16.08 35.12
C ASP B 85 -15.81 15.66 34.07
N VAL B 86 -15.61 14.53 33.39
CA VAL B 86 -16.58 14.07 32.40
C VAL B 86 -17.78 13.52 33.16
N LYS B 87 -18.92 14.18 33.04
CA LYS B 87 -20.08 13.79 33.82
C LYS B 87 -20.88 12.76 33.03
N TYR B 88 -21.82 12.10 33.71
CA TYR B 88 -22.66 11.09 33.07
C TYR B 88 -23.74 11.78 32.23
N GLY B 89 -23.78 11.45 30.94
CA GLY B 89 -24.81 12.01 30.08
C GLY B 89 -26.20 11.55 30.47
N LYS B 90 -27.18 12.40 30.16
CA LYS B 90 -28.59 12.06 30.47
C LYS B 90 -29.30 11.41 29.31
N ARG B 91 -28.98 11.81 28.08
CA ARG B 91 -29.53 11.23 26.86
C ARG B 91 -28.64 11.62 25.69
N ILE B 92 -28.37 10.67 24.79
CA ILE B 92 -27.50 10.89 23.63
C ILE B 92 -28.30 10.72 22.35
N HIS B 93 -27.91 11.45 21.31
CA HIS B 93 -28.54 11.38 19.99
C HIS B 93 -27.53 10.78 19.01
N VAL B 94 -27.87 9.62 18.45
CA VAL B 94 -26.94 8.79 17.67
C VAL B 94 -27.65 8.26 16.42
N LEU B 95 -26.99 8.35 15.27
CA LEU B 95 -27.49 7.87 14.00
C LEU B 95 -26.40 7.03 13.34
N PRO B 96 -26.73 6.28 12.24
CA PRO B 96 -25.73 5.42 11.59
C PRO B 96 -25.20 5.96 10.27
N ILE B 97 -23.93 5.72 9.95
CA ILE B 97 -23.38 6.23 8.69
C ILE B 97 -23.98 5.45 7.54
N ASP B 98 -24.62 6.17 6.61
CA ASP B 98 -25.40 5.57 5.53
C ASP B 98 -24.57 4.60 4.67
N ASP B 99 -23.32 4.97 4.39
CA ASP B 99 -22.38 4.05 3.75
C ASP B 99 -22.42 2.65 4.36
N THR B 100 -22.73 2.51 5.66
CA THR B 100 -22.61 1.22 6.34
C THR B 100 -23.93 0.52 6.65
N VAL B 101 -25.08 1.20 6.58
CA VAL B 101 -26.36 0.54 6.83
C VAL B 101 -27.13 0.27 5.53
N GLU B 102 -26.51 0.50 4.37
CA GLU B 102 -27.22 0.29 3.11
C GLU B 102 -27.63 -1.17 3.00
N GLY B 103 -28.93 -1.40 2.88
CA GLY B 103 -29.42 -2.73 2.65
C GLY B 103 -29.40 -3.62 3.88
N ILE B 104 -29.63 -3.05 5.07
CA ILE B 104 -29.85 -3.85 6.27
C ILE B 104 -31.10 -3.33 6.97
N THR B 105 -31.80 -4.25 7.59
CA THR B 105 -33.05 -3.97 8.29
C THR B 105 -32.97 -4.62 9.66
N GLY B 106 -33.46 -3.95 10.68
CA GLY B 106 -33.52 -4.56 11.99
C GLY B 106 -33.46 -3.53 13.09
N ASN B 107 -33.63 -4.01 14.32
CA ASN B 107 -33.54 -3.16 15.50
C ASN B 107 -32.10 -2.71 15.73
N LEU B 108 -31.73 -1.56 15.15
CA LEU B 108 -30.34 -1.13 15.21
C LEU B 108 -29.84 -1.03 16.65
N PHE B 109 -30.72 -0.70 17.58
CA PHE B 109 -30.29 -0.57 18.97
C PHE B 109 -30.08 -1.92 19.62
N GLU B 110 -30.88 -2.93 19.27
CA GLU B 110 -30.77 -4.24 19.94
C GLU B 110 -29.56 -5.02 19.45
N VAL B 111 -29.21 -4.84 18.18
CA VAL B 111 -28.14 -5.61 17.58
C VAL B 111 -26.78 -5.04 17.94
N TYR B 112 -26.69 -3.70 17.98
CA TYR B 112 -25.43 -2.97 17.95
C TYR B 112 -25.22 -2.10 19.18
N LEU B 113 -26.08 -1.09 19.39
CA LEU B 113 -25.77 -0.04 20.35
C LEU B 113 -25.91 -0.55 21.78
N LYS B 114 -26.98 -1.31 22.07
CA LYS B 114 -27.14 -1.82 23.43
C LYS B 114 -25.94 -2.62 23.88
N PRO B 115 -25.55 -3.72 23.20
CA PRO B 115 -24.38 -4.47 23.68
C PRO B 115 -23.06 -3.70 23.60
N TYR B 116 -23.00 -2.56 22.91
CA TYR B 116 -21.75 -1.82 22.76
C TYR B 116 -21.52 -0.89 23.95
N PHE B 117 -22.58 -0.21 24.40
CA PHE B 117 -22.54 0.73 25.50
C PHE B 117 -22.75 0.08 26.86
N LEU B 118 -23.18 -1.18 26.89
CA LEU B 118 -23.77 -1.79 28.09
C LEU B 118 -22.72 -1.95 29.16
N GLU B 119 -22.91 -1.25 30.29
CA GLU B 119 -22.04 -1.34 31.47
C GLU B 119 -20.56 -1.10 31.13
N ALA B 120 -20.29 -0.37 30.05
CA ALA B 120 -18.92 -0.02 29.67
C ALA B 120 -18.51 1.35 30.16
N TYR B 121 -19.48 2.22 30.42
CA TYR B 121 -19.27 3.62 30.82
C TYR B 121 -18.39 4.36 29.82
N ARG B 122 -18.76 4.27 28.55
CA ARG B 122 -17.90 4.81 27.50
C ARG B 122 -17.92 6.34 27.54
N PRO B 123 -16.77 6.98 27.35
CA PRO B 123 -16.75 8.41 27.09
C PRO B 123 -17.04 8.68 25.62
N ILE B 124 -17.93 9.63 25.34
CA ILE B 124 -18.22 10.00 23.97
C ILE B 124 -18.22 11.50 23.81
N ARG B 125 -17.92 11.95 22.60
CA ARG B 125 -17.89 13.37 22.23
C ARG B 125 -18.82 13.61 21.06
N LYS B 126 -19.56 14.72 21.08
CA LYS B 126 -20.37 15.11 19.93
C LYS B 126 -19.52 15.10 18.66
N GLY B 127 -20.10 14.55 17.59
CA GLY B 127 -19.38 14.43 16.35
C GLY B 127 -18.52 13.21 16.22
N ASP B 128 -18.46 12.35 17.23
CA ASP B 128 -17.71 11.10 17.10
C ASP B 128 -18.33 10.22 16.01
N ILE B 129 -17.47 9.48 15.32
CA ILE B 129 -17.85 8.34 14.51
C ILE B 129 -17.29 7.10 15.17
N PHE B 130 -18.19 6.20 15.60
CA PHE B 130 -17.75 4.92 16.18
C PHE B 130 -18.23 3.73 15.36
N LEU B 131 -17.42 2.68 15.30
CA LEU B 131 -17.80 1.44 14.60
C LEU B 131 -18.17 0.38 15.62
N VAL B 132 -19.29 -0.31 15.41
CA VAL B 132 -19.66 -1.44 16.29
C VAL B 132 -19.63 -2.69 15.43
N ARG B 133 -18.69 -3.59 15.69
CA ARG B 133 -18.58 -4.85 14.94
C ARG B 133 -19.66 -5.82 15.40
N GLY B 134 -19.63 -7.04 14.88
CA GLY B 134 -20.65 -8.06 15.24
C GLY B 134 -22.00 -7.80 14.61
N GLY B 135 -22.73 -8.86 14.25
CA GLY B 135 -24.09 -8.69 13.73
C GLY B 135 -24.17 -8.93 12.23
N MET B 136 -23.32 -9.80 11.70
CA MET B 136 -23.32 -10.13 10.24
C MET B 136 -22.77 -8.94 9.43
N ARG B 137 -22.71 -7.75 10.04
CA ARG B 137 -22.11 -6.57 9.37
C ARG B 137 -21.70 -5.55 10.43
N ALA B 138 -20.57 -4.90 10.23
CA ALA B 138 -20.14 -3.83 11.14
C ALA B 138 -20.74 -2.51 10.65
N VAL B 139 -21.51 -1.84 11.52
CA VAL B 139 -22.13 -0.54 11.19
C VAL B 139 -21.39 0.58 11.94
N GLU B 140 -21.22 1.73 11.29
CA GLU B 140 -20.57 2.89 11.93
C GLU B 140 -21.66 3.88 12.29
N PHE B 141 -21.56 4.47 13.48
CA PHE B 141 -22.61 5.40 13.95
C PHE B 141 -21.98 6.76 14.21
N LYS B 142 -22.81 7.78 14.37
CA LYS B 142 -22.30 9.15 14.63
C LYS B 142 -23.04 9.75 15.82
N VAL B 143 -22.31 10.47 16.68
CA VAL B 143 -22.95 11.16 17.83
C VAL B 143 -23.27 12.58 17.36
N VAL B 144 -24.55 12.89 17.20
CA VAL B 144 -24.94 14.22 16.65
C VAL B 144 -25.23 15.17 17.82
N GLU B 145 -25.73 14.64 18.93
CA GLU B 145 -26.07 15.49 20.11
C GLU B 145 -25.79 14.75 21.41
N THR B 146 -25.35 15.48 22.45
CA THR B 146 -25.04 14.87 23.76
C THR B 146 -26.00 15.59 24.71
N ASP B 147 -26.29 15.01 25.88
CA ASP B 147 -26.92 15.73 27.02
C ASP B 147 -26.13 16.59 28.00
N PRO B 148 -24.84 16.32 28.30
CA PRO B 148 -23.84 17.29 28.72
C PRO B 148 -23.70 17.95 27.34
N SER B 149 -23.29 19.21 27.30
CA SER B 149 -22.95 19.89 26.02
C SER B 149 -21.85 19.47 25.03
N PRO B 150 -20.56 19.28 25.38
CA PRO B 150 -19.61 18.43 24.69
C PRO B 150 -19.49 17.26 25.68
N TYR B 151 -18.81 16.19 25.31
CA TYR B 151 -18.28 15.20 26.28
C TYR B 151 -19.56 14.55 26.81
N CYS B 152 -19.42 13.34 27.35
CA CYS B 152 -20.46 12.69 28.19
C CYS B 152 -19.83 11.34 28.50
N ILE B 153 -20.28 10.68 29.57
CA ILE B 153 -20.05 9.25 29.77
C ILE B 153 -21.40 8.54 29.65
N VAL B 154 -21.49 7.56 28.75
CA VAL B 154 -22.75 6.86 28.47
C VAL B 154 -22.94 5.82 29.57
N ALA B 155 -23.70 6.17 30.56
CA ALA B 155 -23.99 5.33 31.70
C ALA B 155 -25.39 4.74 31.57
N PRO B 156 -25.71 3.69 32.34
CA PRO B 156 -27.02 3.02 32.16
C PRO B 156 -28.21 3.98 32.09
N ASP B 157 -28.21 5.03 32.89
CA ASP B 157 -29.33 5.97 32.87
C ASP B 157 -29.36 6.80 31.58
N THR B 158 -28.21 7.03 30.94
CA THR B 158 -28.19 7.69 29.64
C THR B 158 -29.15 7.00 28.70
N VAL B 159 -30.00 7.77 28.06
CA VAL B 159 -30.93 7.22 27.09
C VAL B 159 -30.48 7.53 25.67
N ILE B 160 -30.65 6.55 24.77
CA ILE B 160 -30.04 6.54 23.44
C ILE B 160 -31.18 6.87 22.47
N HIS B 161 -30.94 7.83 21.57
CA HIS B 161 -31.90 8.23 20.54
C HIS B 161 -31.50 8.12 19.07
N CYS B 162 -32.26 7.33 18.28
CA CYS B 162 -31.91 6.89 16.93
C CYS B 162 -32.99 6.83 15.85
N GLU B 163 -32.88 7.67 14.80
CA GLU B 163 -33.93 7.90 13.79
C GLU B 163 -33.17 8.52 12.61
N GLY B 164 -33.50 8.19 11.35
CA GLY B 164 -32.77 8.72 10.19
C GLY B 164 -31.59 8.02 9.55
N GLU B 165 -30.64 8.76 8.88
CA GLU B 165 -29.34 8.21 8.44
C GLU B 165 -28.43 9.27 7.80
N PRO B 166 -27.28 9.68 8.45
CA PRO B 166 -26.40 10.70 7.84
C PRO B 166 -25.29 10.18 6.94
N ILE B 167 -24.51 11.10 6.35
CA ILE B 167 -23.49 10.79 5.34
C ILE B 167 -22.06 11.02 5.82
N GLU B 178 -6.25 23.54 -1.46
CA GLU B 178 -5.65 23.50 -2.80
C GLU B 178 -4.19 24.03 -2.79
N VAL B 179 -3.27 23.15 -3.17
CA VAL B 179 -1.84 23.42 -3.14
C VAL B 179 -1.38 23.78 -4.55
N GLY B 180 -0.15 24.30 -4.66
CA GLY B 180 0.37 24.75 -5.94
C GLY B 180 1.89 24.81 -5.91
N TYR B 181 2.47 25.13 -7.07
CA TYR B 181 3.93 25.07 -7.20
C TYR B 181 4.63 26.09 -6.30
N ASP B 182 3.98 27.22 -6.02
CA ASP B 182 4.67 28.24 -5.24
C ASP B 182 4.76 27.90 -3.76
N ASP B 183 4.24 26.73 -3.36
CA ASP B 183 4.31 26.25 -1.99
C ASP B 183 5.42 25.22 -1.80
N ILE B 184 6.25 25.01 -2.82
CA ILE B 184 7.31 24.03 -2.82
C ILE B 184 8.62 24.79 -3.04
N GLY B 185 9.53 24.69 -2.08
CA GLY B 185 10.81 25.35 -2.17
C GLY B 185 11.95 24.35 -2.02
N GLY B 186 13.14 24.80 -2.38
CA GLY B 186 14.35 24.04 -2.16
C GLY B 186 14.62 22.95 -3.16
N CYS B 187 13.69 22.68 -4.07
CA CYS B 187 13.89 21.65 -5.09
C CYS B 187 13.29 22.10 -6.40
N ARG B 188 13.60 23.33 -6.80
CA ARG B 188 13.12 23.85 -8.07
C ARG B 188 13.59 23.02 -9.26
N LYS B 189 14.65 22.22 -9.09
CA LYS B 189 15.09 21.33 -10.18
C LYS B 189 14.19 20.10 -10.26
N GLN B 190 14.24 19.25 -9.23
CA GLN B 190 13.45 18.01 -9.22
C GLN B 190 11.97 18.26 -9.45
N LEU B 191 11.46 19.43 -9.05
CA LEU B 191 10.07 19.76 -9.34
C LEU B 191 9.85 19.89 -10.84
N ALA B 192 10.78 20.51 -11.55
CA ALA B 192 10.62 20.64 -12.98
C ALA B 192 10.78 19.29 -13.67
N GLN B 193 11.58 18.40 -13.08
CA GLN B 193 11.84 17.10 -13.69
C GLN B 193 10.62 16.18 -13.60
N ILE B 194 9.83 16.31 -12.53
CA ILE B 194 8.55 15.61 -12.39
C ILE B 194 7.48 16.27 -13.24
N LYS B 195 7.40 17.61 -13.18
CA LYS B 195 6.47 18.37 -14.01
C LYS B 195 6.55 17.96 -15.48
N GLU B 196 7.72 17.47 -15.89
CA GLU B 196 8.05 17.16 -17.25
C GLU B 196 7.76 15.69 -17.59
N MET B 197 8.02 14.80 -16.65
CA MET B 197 7.62 13.41 -16.78
C MET B 197 6.10 13.30 -16.94
N VAL B 198 5.38 14.26 -16.41
CA VAL B 198 3.95 14.12 -16.22
C VAL B 198 3.13 15.03 -17.11
N GLU B 199 3.74 16.10 -17.64
CA GLU B 199 2.98 17.06 -18.45
C GLU B 199 2.30 16.36 -19.63
N LEU B 200 3.09 15.75 -20.51
CA LEU B 200 2.49 15.13 -21.68
C LEU B 200 1.45 14.07 -21.35
N PRO B 201 1.66 13.15 -20.40
CA PRO B 201 0.62 12.13 -20.14
C PRO B 201 -0.61 12.68 -19.46
N LEU B 202 -0.53 13.80 -18.75
CA LEU B 202 -1.71 14.36 -18.13
C LEU B 202 -2.31 15.50 -18.95
N ARG B 203 -1.52 16.16 -19.79
CA ARG B 203 -2.05 17.22 -20.63
C ARG B 203 -2.46 16.74 -22.01
N HIS B 204 -1.76 15.77 -22.59
CA HIS B 204 -2.02 15.31 -23.96
C HIS B 204 -1.92 13.79 -24.00
N PRO B 205 -2.85 13.09 -23.33
CA PRO B 205 -2.77 11.61 -23.28
C PRO B 205 -2.71 10.93 -24.63
N ALA B 206 -3.62 11.27 -25.56
CA ALA B 206 -3.76 10.54 -26.82
C ALA B 206 -2.54 10.66 -27.71
N LEU B 207 -1.71 11.68 -27.54
CA LEU B 207 -0.50 11.83 -28.34
C LEU B 207 0.47 10.68 -28.12
N PHE B 208 0.13 9.74 -27.27
CA PHE B 208 1.02 8.60 -27.07
C PHE B 208 0.70 7.44 -28.01
N LYS B 209 -0.56 7.19 -28.34
CA LYS B 209 -0.84 6.23 -29.41
C LYS B 209 -0.40 6.79 -30.74
N ALA B 210 -0.79 8.04 -31.02
CA ALA B 210 -0.40 8.76 -32.23
C ALA B 210 1.11 8.74 -32.46
N ILE B 211 1.87 9.32 -31.52
CA ILE B 211 3.32 9.33 -31.59
C ILE B 211 3.89 7.91 -31.51
N GLY B 212 3.15 6.96 -30.91
CA GLY B 212 3.58 5.57 -30.82
C GLY B 212 4.58 5.27 -29.70
N VAL B 213 4.47 5.95 -28.56
CA VAL B 213 5.48 5.90 -27.51
C VAL B 213 4.83 5.45 -26.21
N LYS B 214 5.63 4.79 -25.37
CA LYS B 214 5.09 4.16 -24.17
C LYS B 214 5.08 5.17 -23.02
N PRO B 215 3.93 5.47 -22.42
CA PRO B 215 3.87 6.57 -21.44
C PRO B 215 4.39 6.14 -20.10
N PRO B 216 4.79 7.08 -19.24
CA PRO B 216 5.16 6.72 -17.85
C PRO B 216 3.95 6.21 -17.09
N ARG B 217 4.18 5.18 -16.27
CA ARG B 217 3.13 4.66 -15.39
C ARG B 217 3.44 4.86 -13.93
N GLY B 218 4.69 4.66 -13.52
CA GLY B 218 5.08 4.84 -12.14
C GLY B 218 6.32 5.70 -12.02
N ILE B 219 6.30 6.60 -11.05
CA ILE B 219 7.46 7.42 -10.70
C ILE B 219 7.81 7.16 -9.24
N LEU B 220 9.07 6.81 -8.99
CA LEU B 220 9.58 6.70 -7.64
C LEU B 220 10.20 8.03 -7.19
N LEU B 221 9.75 8.55 -6.04
CA LEU B 221 10.40 9.67 -5.37
C LEU B 221 11.16 9.13 -4.18
N TYR B 222 12.50 9.26 -4.23
CA TYR B 222 13.37 8.86 -3.14
C TYR B 222 13.68 10.04 -2.21
N GLY B 223 13.97 9.73 -0.95
CA GLY B 223 14.33 10.76 0.00
C GLY B 223 14.11 10.35 1.43
N PRO B 224 14.63 11.17 2.33
CA PRO B 224 14.39 10.94 3.76
C PRO B 224 13.09 11.60 4.17
N PRO B 225 12.54 11.24 5.33
CA PRO B 225 11.26 11.84 5.74
C PRO B 225 11.37 13.35 5.85
N GLY B 226 10.31 14.03 5.41
CA GLY B 226 10.21 15.46 5.50
C GLY B 226 10.67 16.23 4.27
N THR B 227 11.17 15.55 3.24
CA THR B 227 11.61 16.27 2.06
C THR B 227 10.45 16.86 1.25
N GLY B 228 9.20 16.61 1.60
CA GLY B 228 8.09 17.19 0.88
C GLY B 228 7.58 16.38 -0.30
N LYS B 229 7.76 15.05 -0.29
CA LYS B 229 7.41 14.25 -1.45
C LYS B 229 5.90 14.22 -1.67
N THR B 230 5.11 14.23 -0.60
CA THR B 230 3.66 14.30 -0.76
C THR B 230 3.24 15.68 -1.26
N LEU B 231 3.92 16.74 -0.80
CA LEU B 231 3.61 18.08 -1.29
C LEU B 231 3.83 18.16 -2.79
N ILE B 232 5.02 17.76 -3.27
CA ILE B 232 5.31 17.71 -4.69
C ILE B 232 4.16 17.07 -5.47
N ALA B 233 3.77 15.86 -5.07
CA ALA B 233 2.75 15.12 -5.82
C ALA B 233 1.42 15.84 -5.83
N ARG B 234 1.02 16.43 -4.70
CA ARG B 234 -0.30 17.06 -4.67
C ARG B 234 -0.31 18.35 -5.47
N ALA B 235 0.82 19.06 -5.52
CA ALA B 235 0.90 20.27 -6.33
C ALA B 235 0.96 19.93 -7.82
N VAL B 236 1.55 18.79 -8.19
CA VAL B 236 1.50 18.35 -9.58
C VAL B 236 0.06 18.02 -9.98
N ALA B 237 -0.72 17.43 -9.08
CA ALA B 237 -2.09 17.05 -9.41
C ALA B 237 -3.03 18.26 -9.45
N ASN B 238 -2.89 19.20 -8.51
CA ASN B 238 -3.79 20.36 -8.51
C ASN B 238 -3.53 21.28 -9.70
N GLU B 239 -2.28 21.37 -10.18
CA GLU B 239 -1.93 22.34 -11.20
C GLU B 239 -1.86 21.76 -12.62
N THR B 240 -2.05 20.47 -12.80
CA THR B 240 -2.31 19.93 -14.14
C THR B 240 -3.77 19.52 -14.30
N GLY B 241 -4.61 19.71 -13.27
CA GLY B 241 -6.02 19.39 -13.35
C GLY B 241 -6.34 17.93 -13.11
N ALA B 242 -5.58 17.28 -12.24
CA ALA B 242 -5.63 15.83 -12.07
C ALA B 242 -6.25 15.47 -10.73
N PHE B 243 -7.12 14.46 -10.74
CA PHE B 243 -7.61 13.91 -9.49
C PHE B 243 -6.45 13.32 -8.69
N PHE B 244 -6.54 13.41 -7.36
CA PHE B 244 -5.46 12.97 -6.48
C PHE B 244 -6.00 11.98 -5.47
N PHE B 245 -5.33 10.83 -5.36
CA PHE B 245 -5.73 9.79 -4.42
C PHE B 245 -4.50 9.33 -3.64
N LEU B 246 -4.53 9.56 -2.32
CA LEU B 246 -3.42 9.23 -1.44
C LEU B 246 -3.60 7.84 -0.84
N ILE B 247 -2.56 7.02 -0.94
CA ILE B 247 -2.46 5.78 -0.19
C ILE B 247 -1.34 5.94 0.83
N ASN B 248 -1.67 5.72 2.10
CA ASN B 248 -0.63 5.62 3.11
C ASN B 248 -0.23 4.16 3.31
N GLY B 249 1.05 3.88 3.15
CA GLY B 249 1.60 2.55 3.28
C GLY B 249 1.19 1.80 4.53
N PRO B 250 1.57 2.30 5.70
CA PRO B 250 1.24 1.56 6.93
C PRO B 250 -0.23 1.56 7.28
N GLU B 251 -1.02 2.56 6.84
CA GLU B 251 -2.46 2.54 7.14
C GLU B 251 -3.15 1.43 6.37
N ILE B 252 -2.86 1.30 5.09
CA ILE B 252 -3.49 0.24 4.33
C ILE B 252 -3.01 -1.12 4.82
N MET B 253 -1.73 -1.24 5.16
CA MET B 253 -1.21 -2.49 5.71
C MET B 253 -1.80 -2.77 7.08
N SER B 254 -2.21 -1.73 7.83
CA SER B 254 -2.82 -1.94 9.13
C SER B 254 -4.12 -2.69 9.02
N LYS B 255 -4.82 -2.58 7.88
CA LYS B 255 -6.13 -3.20 7.73
C LYS B 255 -5.98 -4.72 7.57
N LEU B 256 -7.12 -5.41 7.64
CA LEU B 256 -7.17 -6.81 7.24
C LEU B 256 -7.00 -6.95 5.73
N ALA B 257 -6.26 -7.98 5.32
CA ALA B 257 -6.23 -8.31 3.90
C ALA B 257 -7.65 -8.50 3.42
N GLY B 258 -8.03 -7.79 2.37
CA GLY B 258 -9.44 -7.76 2.08
C GLY B 258 -10.05 -6.40 2.36
N GLU B 259 -9.84 -5.86 3.55
CA GLU B 259 -10.12 -4.44 3.74
C GLU B 259 -9.18 -3.59 2.91
N SER B 260 -7.90 -3.97 2.87
CA SER B 260 -6.94 -3.22 2.06
C SER B 260 -7.11 -3.50 0.58
N GLU B 261 -7.40 -4.75 0.23
CA GLU B 261 -7.66 -5.09 -1.17
C GLU B 261 -8.81 -4.25 -1.70
N SER B 262 -9.81 -3.97 -0.84
CA SER B 262 -10.89 -3.08 -1.21
C SER B 262 -10.41 -1.65 -1.32
N ASN B 263 -9.49 -1.26 -0.44
CA ASN B 263 -8.90 0.07 -0.52
C ASN B 263 -8.16 0.24 -1.83
N LEU B 264 -7.22 -0.67 -2.12
CA LEU B 264 -6.37 -0.51 -3.28
C LEU B 264 -7.18 -0.48 -4.58
N ARG B 265 -8.16 -1.38 -4.71
CA ARG B 265 -9.08 -1.35 -5.84
C ARG B 265 -9.78 0.00 -5.95
N LYS B 266 -10.39 0.44 -4.85
CA LYS B 266 -11.14 1.69 -4.87
C LYS B 266 -10.33 2.83 -5.45
N ALA B 267 -9.04 2.90 -5.08
CA ALA B 267 -8.16 3.97 -5.54
C ALA B 267 -8.04 3.98 -7.06
N PHE B 268 -7.74 2.82 -7.64
CA PHE B 268 -7.64 2.74 -9.09
C PHE B 268 -9.02 2.92 -9.74
N GLU B 269 -10.07 2.41 -9.09
CA GLU B 269 -11.41 2.68 -9.60
C GLU B 269 -11.67 4.17 -9.69
N GLU B 270 -11.30 4.92 -8.65
CA GLU B 270 -11.60 6.34 -8.67
C GLU B 270 -10.60 7.13 -9.52
N ALA B 271 -9.35 6.66 -9.62
CA ALA B 271 -8.39 7.32 -10.50
C ALA B 271 -8.83 7.25 -11.97
N GLU B 272 -9.50 6.16 -12.39
CA GLU B 272 -10.00 6.07 -13.76
C GLU B 272 -11.36 6.75 -13.93
N LYS B 273 -12.23 6.69 -12.92
CA LYS B 273 -13.49 7.45 -12.93
C LYS B 273 -13.29 8.96 -12.92
N ASN B 274 -12.08 9.45 -12.60
CA ASN B 274 -11.79 10.88 -12.53
C ASN B 274 -10.55 11.25 -13.34
N ALA B 275 -10.03 10.34 -14.16
CA ALA B 275 -8.82 10.55 -14.95
C ALA B 275 -8.90 11.84 -15.77
N PRO B 276 -7.78 12.55 -16.00
CA PRO B 276 -6.40 12.26 -15.56
C PRO B 276 -6.23 12.33 -14.06
N ALA B 277 -5.52 11.37 -13.49
CA ALA B 277 -5.38 11.27 -12.05
C ALA B 277 -3.97 10.82 -11.71
N ILE B 278 -3.53 11.20 -10.51
CA ILE B 278 -2.27 10.77 -9.90
C ILE B 278 -2.61 9.98 -8.65
N ILE B 279 -2.18 8.73 -8.59
CA ILE B 279 -2.27 7.90 -7.38
C ILE B 279 -0.92 7.98 -6.67
N PHE B 280 -0.93 8.39 -5.41
CA PHE B 280 0.31 8.60 -4.69
C PHE B 280 0.41 7.62 -3.52
N ILE B 281 1.52 6.90 -3.44
CA ILE B 281 1.68 5.86 -2.44
C ILE B 281 2.81 6.30 -1.53
N ASP B 282 2.46 6.90 -0.40
CA ASP B 282 3.40 7.25 0.66
C ASP B 282 3.95 5.98 1.31
N GLU B 283 5.27 5.82 1.37
CA GLU B 283 5.93 4.66 1.97
C GLU B 283 5.63 3.38 1.17
N LEU B 284 6.26 3.31 0.00
CA LEU B 284 6.12 2.13 -0.86
C LEU B 284 6.60 0.86 -0.17
N ASP B 285 7.65 0.95 0.64
CA ASP B 285 8.23 -0.27 1.23
C ASP B 285 7.38 -0.85 2.35
N ALA B 286 6.40 -0.11 2.88
CA ALA B 286 5.40 -0.71 3.77
C ALA B 286 4.54 -1.72 3.02
N ILE B 287 4.31 -1.49 1.74
CA ILE B 287 3.47 -2.34 0.90
C ILE B 287 4.30 -3.37 0.15
N ALA B 288 5.43 -2.94 -0.41
CA ALA B 288 6.22 -3.74 -1.33
C ALA B 288 7.66 -3.83 -0.83
N PRO B 289 7.88 -4.56 0.26
CA PRO B 289 9.26 -4.74 0.75
C PRO B 289 10.04 -5.65 -0.19
N LYS B 290 11.35 -5.64 -0.04
CA LYS B 290 12.19 -6.62 -0.73
C LYS B 290 12.30 -7.88 0.12
N ARG B 291 11.14 -8.42 0.50
CA ARG B 291 11.08 -9.64 1.28
C ARG B 291 11.62 -10.82 0.48
N GLU B 292 12.06 -11.84 1.20
CA GLU B 292 12.43 -13.09 0.55
C GLU B 292 11.13 -13.80 0.14
N THR B 294 9.24 -17.68 0.25
CA THR B 294 9.11 -19.10 0.53
C THR B 294 7.65 -19.58 0.53
N HIS B 295 7.48 -20.89 0.67
CA HIS B 295 6.16 -21.51 0.57
C HIS B 295 5.41 -21.30 1.88
N GLY B 296 4.40 -20.45 1.85
CA GLY B 296 3.59 -20.19 3.03
C GLY B 296 2.32 -19.45 2.67
N GLU B 297 1.34 -19.56 3.57
CA GLU B 297 0.11 -18.79 3.46
C GLU B 297 0.22 -17.43 4.13
N VAL B 298 1.39 -17.12 4.70
CA VAL B 298 1.51 -16.18 5.82
C VAL B 298 1.81 -14.75 5.38
N GLU B 299 2.16 -14.53 4.11
CA GLU B 299 2.41 -13.20 3.60
C GLU B 299 1.29 -12.84 2.62
N ARG B 300 0.73 -11.64 2.76
CA ARG B 300 -0.42 -11.26 1.96
C ARG B 300 0.04 -10.62 0.68
N ARG B 301 -0.73 -10.84 -0.37
CA ARG B 301 -0.23 -10.67 -1.73
C ARG B 301 -0.64 -9.30 -2.28
N ILE B 302 -0.26 -8.26 -1.55
CA ILE B 302 -0.74 -6.94 -1.92
C ILE B 302 0.02 -6.41 -3.13
N VAL B 303 1.30 -6.75 -3.25
CA VAL B 303 2.09 -6.29 -4.38
C VAL B 303 1.47 -6.78 -5.67
N SER B 304 1.06 -8.05 -5.68
CA SER B 304 0.47 -8.62 -6.88
C SER B 304 -0.82 -7.94 -7.25
N GLN B 305 -1.66 -7.63 -6.26
CA GLN B 305 -2.82 -6.83 -6.58
C GLN B 305 -2.42 -5.53 -7.23
N LEU B 306 -1.34 -4.90 -6.72
CA LEU B 306 -0.96 -3.58 -7.23
C LEU B 306 -0.35 -3.69 -8.62
N LEU B 307 0.56 -4.65 -8.84
CA LEU B 307 1.07 -4.88 -10.18
C LEU B 307 -0.04 -5.29 -11.15
N THR B 308 -1.05 -6.04 -10.69
CA THR B 308 -2.17 -6.36 -11.57
C THR B 308 -2.98 -5.13 -11.92
N LEU B 309 -3.31 -4.29 -10.94
CA LEU B 309 -4.03 -3.06 -11.25
C LEU B 309 -3.22 -2.10 -12.12
N MET B 310 -1.89 -2.07 -11.99
CA MET B 310 -1.11 -1.14 -12.81
C MET B 310 -0.86 -1.65 -14.23
N ASP B 311 -0.61 -2.96 -14.42
CA ASP B 311 -0.52 -3.50 -15.78
C ASP B 311 -1.85 -3.37 -16.52
N GLY B 312 -2.97 -3.37 -15.79
CA GLY B 312 -4.29 -3.18 -16.37
C GLY B 312 -4.57 -1.77 -16.87
N LEU B 313 -3.84 -0.76 -16.37
CA LEU B 313 -4.01 0.58 -16.88
C LEU B 313 -3.43 0.70 -18.29
N LYS B 314 -2.33 0.01 -18.57
CA LYS B 314 -1.82 -0.18 -19.94
C LYS B 314 -1.35 1.18 -20.48
N GLN B 315 -1.61 1.48 -21.75
CA GLN B 315 -1.08 2.66 -22.41
C GLN B 315 -2.13 3.76 -22.56
N ARG B 316 -3.09 3.85 -21.63
CA ARG B 316 -4.06 4.94 -21.68
C ARG B 316 -3.44 6.27 -21.25
N ALA B 317 -2.46 6.22 -20.32
CA ALA B 317 -1.62 7.35 -19.94
C ALA B 317 -2.35 8.40 -19.10
N HIS B 318 -3.66 8.24 -18.91
CA HIS B 318 -4.38 9.22 -18.11
C HIS B 318 -4.27 8.96 -16.60
N VAL B 319 -3.71 7.83 -16.17
CA VAL B 319 -3.49 7.56 -14.75
C VAL B 319 -2.01 7.33 -14.52
N ILE B 320 -1.40 8.16 -13.67
CA ILE B 320 -0.01 8.03 -13.30
C ILE B 320 0.05 7.68 -11.82
N VAL B 321 0.98 6.81 -11.44
CA VAL B 321 1.14 6.37 -10.07
C VAL B 321 2.51 6.82 -9.57
N MET B 322 2.53 7.67 -8.53
CA MET B 322 3.78 8.04 -7.88
C MET B 322 3.83 7.42 -6.49
N ALA B 323 5.01 6.99 -6.07
CA ALA B 323 5.22 6.33 -4.79
C ALA B 323 6.55 6.78 -4.23
N ALA B 324 6.63 6.97 -2.92
CA ALA B 324 7.85 7.47 -2.31
C ALA B 324 8.40 6.49 -1.30
N THR B 325 9.71 6.50 -1.13
CA THR B 325 10.33 5.62 -0.15
C THR B 325 11.64 6.24 0.34
N ASN B 326 12.01 5.91 1.58
CA ASN B 326 13.28 6.32 2.16
C ASN B 326 14.41 5.33 1.87
N ARG B 327 14.09 4.17 1.28
CA ARG B 327 15.08 3.12 1.03
C ARG B 327 14.83 2.50 -0.35
N PRO B 328 15.52 3.01 -1.39
CA PRO B 328 15.27 2.51 -2.75
C PRO B 328 15.71 1.08 -2.97
N ASN B 329 16.85 0.70 -2.41
CA ASN B 329 17.34 -0.66 -2.52
C ASN B 329 16.56 -1.61 -1.63
N SER B 330 15.47 -1.15 -1.02
CA SER B 330 14.61 -1.98 -0.20
C SER B 330 13.25 -2.20 -0.83
N ILE B 331 13.13 -2.05 -2.15
CA ILE B 331 11.88 -2.18 -2.88
C ILE B 331 11.86 -3.51 -3.62
N ASP B 332 10.75 -4.22 -3.52
CA ASP B 332 10.47 -5.39 -4.33
C ASP B 332 10.84 -5.15 -5.78
N PRO B 333 11.88 -5.81 -6.30
CA PRO B 333 12.32 -5.56 -7.68
C PRO B 333 11.24 -5.72 -8.72
N ALA B 334 10.20 -6.52 -8.46
CA ALA B 334 9.12 -6.63 -9.42
C ALA B 334 8.52 -5.28 -9.79
N LEU B 335 8.67 -4.27 -8.94
CA LEU B 335 8.04 -3.00 -9.23
C LEU B 335 8.74 -2.29 -10.37
N ARG B 336 10.02 -2.57 -10.57
CA ARG B 336 10.87 -1.83 -11.51
C ARG B 336 10.97 -2.51 -12.87
N ARG B 337 10.10 -3.46 -13.18
CA ARG B 337 10.21 -4.23 -14.41
C ARG B 337 8.97 -4.06 -15.26
N PHE B 338 9.13 -4.36 -16.56
CA PHE B 338 8.06 -4.23 -17.56
C PHE B 338 7.55 -2.81 -17.64
N GLY B 339 8.43 -1.84 -17.38
CA GLY B 339 8.05 -0.44 -17.40
C GLY B 339 6.89 -0.12 -16.48
N ARG B 340 6.93 -0.60 -15.24
CA ARG B 340 5.99 -0.19 -14.19
C ARG B 340 6.54 1.05 -13.51
N PHE B 341 7.56 0.86 -12.69
CA PHE B 341 8.26 1.97 -12.06
C PHE B 341 9.63 2.09 -12.73
N ASP B 342 9.69 2.86 -13.82
CA ASP B 342 10.91 3.00 -14.60
C ASP B 342 11.36 4.46 -14.71
N ARG B 343 10.87 5.35 -13.84
CA ARG B 343 11.45 6.66 -13.65
C ARG B 343 11.59 6.90 -12.16
N GLU B 344 12.65 7.61 -11.79
CA GLU B 344 12.91 7.87 -10.38
C GLU B 344 13.61 9.21 -10.24
N VAL B 345 13.03 10.09 -9.43
CA VAL B 345 13.64 11.37 -9.13
C VAL B 345 13.99 11.39 -7.66
N ASP B 346 15.09 12.07 -7.33
CA ASP B 346 15.59 12.07 -5.96
C ASP B 346 15.36 13.42 -5.28
N ILE B 347 14.84 13.37 -4.06
CA ILE B 347 14.44 14.56 -3.31
C ILE B 347 15.26 14.53 -2.03
N GLY B 348 16.32 15.34 -1.98
CA GLY B 348 17.26 15.32 -0.87
C GLY B 348 17.06 16.45 0.13
N ILE B 349 18.01 16.54 1.06
CA ILE B 349 18.11 17.72 1.91
C ILE B 349 18.32 18.93 1.00
N PRO B 350 17.69 20.06 1.25
CA PRO B 350 18.02 21.26 0.47
C PRO B 350 19.35 21.82 0.93
N ASP B 351 20.05 22.43 -0.02
CA ASP B 351 21.29 23.15 0.29
C ASP B 351 20.94 24.45 1.01
N ALA B 352 21.88 25.41 1.08
CA ALA B 352 21.60 26.65 1.80
C ALA B 352 20.51 27.47 1.09
N THR B 353 20.60 27.62 -0.24
CA THR B 353 19.57 28.33 -0.98
C THR B 353 18.21 27.68 -0.84
N GLY B 354 18.18 26.36 -0.69
CA GLY B 354 16.90 25.67 -0.62
C GLY B 354 16.15 25.99 0.66
N ARG B 355 16.86 26.03 1.79
CA ARG B 355 16.23 26.36 3.05
C ARG B 355 15.57 27.74 2.98
N LEU B 356 16.32 28.74 2.49
CA LEU B 356 15.76 30.09 2.39
C LEU B 356 14.49 30.09 1.54
N GLU B 357 14.50 29.37 0.42
CA GLU B 357 13.30 29.19 -0.38
C GLU B 357 12.15 28.73 0.48
N ILE B 358 12.38 27.71 1.32
CA ILE B 358 11.32 27.13 2.16
C ILE B 358 10.87 28.12 3.22
N LEU B 359 11.81 28.86 3.82
CA LEU B 359 11.48 29.73 4.96
C LEU B 359 10.60 30.90 4.52
N GLN B 360 10.84 31.44 3.32
CA GLN B 360 9.93 32.47 2.81
C GLN B 360 8.53 31.90 2.59
N ILE B 361 8.42 30.62 2.21
CA ILE B 361 7.11 30.00 2.03
C ILE B 361 6.39 29.86 3.37
N HIS B 362 7.11 29.46 4.43
CA HIS B 362 6.47 29.27 5.72
C HIS B 362 6.30 30.54 6.54
N THR B 363 7.08 31.58 6.26
CA THR B 363 6.82 32.88 6.86
C THR B 363 5.80 33.70 6.06
N LYS B 364 5.12 33.09 5.08
CA LYS B 364 4.32 33.85 4.12
C LYS B 364 3.23 34.67 4.81
N ASN B 365 2.50 34.07 5.74
CA ASN B 365 1.44 34.77 6.44
C ASN B 365 1.77 34.98 7.91
N MET B 366 3.01 35.43 8.16
CA MET B 366 3.48 35.83 9.49
C MET B 366 4.07 37.22 9.36
N LYS B 367 3.63 38.15 10.24
CA LYS B 367 4.15 39.52 10.25
C LYS B 367 5.56 39.51 10.81
N LEU B 368 6.57 39.76 9.95
CA LEU B 368 7.97 39.62 10.33
C LEU B 368 8.58 40.96 10.72
N ALA B 369 9.47 40.93 11.70
CA ALA B 369 10.08 42.15 12.19
C ALA B 369 11.06 42.70 11.16
N ASP B 370 11.40 43.99 11.33
CA ASP B 370 12.40 44.59 10.46
C ASP B 370 13.74 43.86 10.59
N ASP B 371 14.07 43.39 11.81
CA ASP B 371 15.39 42.83 12.10
C ASP B 371 15.58 41.40 11.61
N VAL B 372 14.58 40.82 10.93
CA VAL B 372 14.60 39.41 10.54
C VAL B 372 15.54 39.20 9.35
N ASP B 373 16.52 38.31 9.50
CA ASP B 373 17.46 37.93 8.43
C ASP B 373 17.28 36.44 8.16
N LEU B 374 16.32 36.10 7.28
CA LEU B 374 16.01 34.70 7.02
C LEU B 374 17.19 33.93 6.43
N GLU B 375 18.17 34.62 5.83
CA GLU B 375 19.32 33.92 5.27
C GLU B 375 20.29 33.47 6.36
N GLN B 376 20.32 34.18 7.49
CA GLN B 376 21.12 33.71 8.62
C GLN B 376 20.53 32.43 9.20
N VAL B 377 19.21 32.39 9.35
CA VAL B 377 18.54 31.15 9.74
C VAL B 377 18.90 30.03 8.78
N ALA B 378 18.83 30.33 7.47
CA ALA B 378 19.23 29.35 6.48
C ALA B 378 20.68 28.93 6.67
N ASN B 379 21.59 29.90 6.83
CA ASN B 379 23.01 29.60 6.94
C ASN B 379 23.33 28.67 8.11
N GLU B 380 22.40 28.49 9.05
CA GLU B 380 22.64 27.71 10.27
C GLU B 380 21.72 26.49 10.38
N THR B 381 21.13 26.05 9.29
CA THR B 381 20.19 24.92 9.28
C THR B 381 20.69 23.86 8.30
N HIS B 382 21.55 22.97 8.78
CA HIS B 382 22.25 22.06 7.89
C HIS B 382 21.43 20.81 7.57
N GLY B 383 21.42 19.84 8.48
CA GLY B 383 20.72 18.59 8.21
C GLY B 383 19.20 18.76 8.22
N HIS B 384 18.75 19.99 8.07
CA HIS B 384 17.33 20.30 8.14
C HIS B 384 16.67 20.02 6.79
N VAL B 385 15.45 19.50 6.85
CA VAL B 385 14.60 19.35 5.67
C VAL B 385 13.40 20.26 5.85
N GLY B 386 12.60 20.38 4.79
CA GLY B 386 11.47 21.30 4.83
C GLY B 386 10.58 21.12 6.06
N ALA B 387 10.38 19.88 6.48
CA ALA B 387 9.55 19.64 7.66
C ALA B 387 10.13 20.32 8.90
N ASP B 388 11.46 20.26 9.04
CA ASP B 388 12.11 20.92 10.17
C ASP B 388 12.08 22.43 10.04
N LEU B 389 12.16 22.94 8.82
CA LEU B 389 12.04 24.38 8.63
C LEU B 389 10.63 24.86 8.93
N ALA B 390 9.61 24.06 8.59
CA ALA B 390 8.24 24.41 8.97
C ALA B 390 8.08 24.49 10.49
N ALA B 391 8.56 23.47 11.20
CA ALA B 391 8.48 23.44 12.65
C ALA B 391 9.21 24.63 13.26
N LEU B 392 10.36 24.98 12.69
CA LEU B 392 11.13 26.09 13.19
C LEU B 392 10.35 27.40 13.10
N CYS B 393 9.55 27.58 12.05
CA CYS B 393 8.74 28.80 11.94
C CYS B 393 7.60 28.81 12.94
N SER B 394 6.89 27.69 13.09
CA SER B 394 5.79 27.70 14.04
C SER B 394 6.32 27.81 15.46
N GLU B 395 7.48 27.21 15.72
CA GLU B 395 8.10 27.38 17.03
C GLU B 395 8.39 28.85 17.30
N ALA B 396 8.81 29.61 16.29
CA ALA B 396 9.12 31.02 16.47
C ALA B 396 7.87 31.85 16.73
N ALA B 397 6.80 31.58 15.96
CA ALA B 397 5.54 32.28 16.17
C ALA B 397 4.92 31.91 17.49
N LEU B 398 5.09 30.66 17.94
CA LEU B 398 4.64 30.26 19.27
C LEU B 398 5.36 31.05 20.35
N GLN B 399 6.65 31.28 20.18
CA GLN B 399 7.36 32.09 21.16
C GLN B 399 6.93 33.54 21.07
N ALA B 400 6.49 34.01 19.90
CA ALA B 400 5.91 35.34 19.80
C ALA B 400 4.62 35.42 20.58
N ILE B 401 3.81 34.36 20.54
CA ILE B 401 2.52 34.34 21.23
C ILE B 401 2.71 34.27 22.74
N ARG B 402 3.70 33.51 23.18
CA ARG B 402 3.97 33.38 24.61
C ARG B 402 4.44 34.69 25.21
N LYS B 403 4.99 35.59 24.37
CA LYS B 403 5.50 36.89 24.84
C LYS B 403 4.37 37.88 25.02
N LYS B 404 3.43 37.94 24.06
CA LYS B 404 2.18 38.65 24.27
C LYS B 404 1.34 38.00 25.36
N MET B 405 1.53 36.71 25.61
CA MET B 405 0.80 36.06 26.69
C MET B 405 1.24 36.58 28.05
N ASP B 406 2.55 36.83 28.22
CA ASP B 406 3.03 37.36 29.49
C ASP B 406 2.59 38.79 29.73
N LEU B 407 2.03 39.46 28.72
CA LEU B 407 1.50 40.82 28.91
C LEU B 407 0.03 40.76 29.38
N ILE B 408 -0.19 39.96 30.41
CA ILE B 408 -1.33 40.09 31.30
C ILE B 408 -0.94 40.81 32.59
N ASP B 409 0.10 41.63 32.52
CA ASP B 409 0.56 42.43 33.63
C ASP B 409 -0.33 43.65 33.82
N LEU B 410 -1.60 43.53 33.43
CA LEU B 410 -2.62 44.56 33.74
C LEU B 410 -3.91 43.95 34.27
N ASN B 421 -4.05 40.54 20.57
CA ASN B 421 -4.84 41.15 19.51
C ASN B 421 -4.45 40.62 18.15
N SER B 422 -3.17 40.77 17.79
CA SER B 422 -2.54 40.06 16.68
C SER B 422 -1.16 39.59 17.12
N LEU B 423 -0.18 39.52 16.20
CA LEU B 423 1.15 39.09 16.59
C LEU B 423 2.20 39.71 15.68
N ALA B 424 3.45 39.72 16.17
CA ALA B 424 4.60 40.13 15.39
C ALA B 424 5.85 39.37 15.87
N VAL B 425 6.56 38.75 14.93
CA VAL B 425 7.62 37.77 15.22
C VAL B 425 8.99 38.34 14.88
N THR B 426 9.92 38.25 15.82
CA THR B 426 11.22 38.90 15.76
C THR B 426 12.35 37.87 15.57
N MET B 427 13.58 38.35 15.35
CA MET B 427 14.70 37.42 15.23
C MET B 427 15.00 36.72 16.54
N ASP B 428 14.68 37.33 17.67
CA ASP B 428 14.85 36.63 18.94
C ASP B 428 13.98 35.39 18.98
N ASP B 429 12.73 35.52 18.52
CA ASP B 429 11.82 34.38 18.46
C ASP B 429 12.42 33.25 17.61
N PHE B 430 13.09 33.59 16.51
CA PHE B 430 13.76 32.55 15.73
C PHE B 430 14.99 32.02 16.47
N ARG B 431 15.77 32.90 17.10
CA ARG B 431 16.93 32.46 17.88
C ARG B 431 16.51 31.48 18.98
N TRP B 432 15.31 31.65 19.55
CA TRP B 432 14.80 30.66 20.49
C TRP B 432 14.55 29.32 19.81
N ALA B 433 13.97 29.35 18.60
CA ALA B 433 13.63 28.13 17.89
C ALA B 433 14.87 27.38 17.44
N LEU B 434 15.93 28.09 17.04
CA LEU B 434 17.11 27.39 16.57
C LEU B 434 17.83 26.66 17.70
N SER B 435 17.51 27.01 18.95
CA SER B 435 18.12 26.41 20.14
C SER B 435 17.17 25.44 20.84
N GLN B 436 16.11 25.00 20.15
CA GLN B 436 15.15 24.02 20.68
C GLN B 436 14.65 24.36 22.09
#